data_2MUJ
#
_entry.id   2MUJ
#
_cell.length_a   1.000
_cell.length_b   1.000
_cell.length_c   1.000
_cell.angle_alpha   90.00
_cell.angle_beta   90.00
_cell.angle_gamma   90.00
#
_symmetry.space_group_name_H-M   'P 1'
#
_entity_poly.entity_id   1
_entity_poly.type   'polypeptide(L)'
_entity_poly.pdbx_seq_one_letter_code
;YDNILVKMFKTNENNDKSELI
;
_entity_poly.pdbx_strand_id   A
#
# COMPACT_ATOMS: atom_id res chain seq x y z
N TYR A 1 18.36 -0.86 -8.20
CA TYR A 1 17.71 -0.57 -6.88
C TYR A 1 16.16 -0.41 -7.02
N ASP A 2 15.41 -1.44 -6.59
CA ASP A 2 13.93 -1.43 -6.63
C ASP A 2 13.39 -2.28 -5.43
N ASN A 3 12.46 -1.68 -4.67
CA ASN A 3 11.79 -2.34 -3.52
C ASN A 3 10.31 -1.87 -3.54
N ILE A 4 9.53 -2.36 -4.54
CA ILE A 4 8.09 -2.05 -4.69
C ILE A 4 7.16 -2.75 -3.63
N LEU A 5 7.54 -3.94 -3.12
CA LEU A 5 6.75 -4.72 -2.11
C LEU A 5 6.59 -4.03 -0.72
N VAL A 6 7.68 -3.47 -0.15
CA VAL A 6 7.66 -2.72 1.15
C VAL A 6 6.68 -1.49 1.14
N LYS A 7 6.77 -0.70 0.06
CA LYS A 7 5.90 0.48 -0.18
C LYS A 7 4.40 0.11 -0.37
N MET A 8 4.10 -0.97 -1.14
CA MET A 8 2.71 -1.46 -1.35
C MET A 8 2.00 -2.09 -0.11
N PHE A 9 2.71 -2.55 0.96
CA PHE A 9 2.07 -3.10 2.19
C PHE A 9 1.28 -2.00 2.96
N LYS A 10 1.95 -0.88 3.32
CA LYS A 10 1.30 0.28 4.02
C LYS A 10 0.30 1.09 3.14
N THR A 11 0.57 1.29 1.83
CA THR A 11 -0.34 2.00 0.88
C THR A 11 -1.72 1.28 0.74
N ASN A 12 -1.71 -0.04 0.43
CA ASN A 12 -2.92 -0.88 0.30
C ASN A 12 -3.72 -1.09 1.64
N GLU A 13 -3.05 -1.24 2.81
CA GLU A 13 -3.73 -1.40 4.12
C GLU A 13 -4.52 -0.14 4.57
N ASN A 14 -3.85 1.03 4.62
CA ASN A 14 -4.46 2.33 5.03
C ASN A 14 -5.52 2.88 4.03
N ASN A 15 -5.14 3.06 2.76
CA ASN A 15 -6.05 3.55 1.69
C ASN A 15 -7.09 2.51 1.22
N ASP A 16 -6.68 1.29 0.80
CA ASP A 16 -7.61 0.22 0.34
C ASP A 16 -8.60 0.70 -0.77
N LYS A 17 -8.03 1.31 -1.85
CA LYS A 17 -8.77 1.86 -3.02
C LYS A 17 -9.46 3.25 -2.74
N SER A 18 -10.17 3.41 -1.61
CA SER A 18 -10.84 4.68 -1.20
C SER A 18 -10.26 5.08 0.20
N GLU A 19 -10.81 4.55 1.30
CA GLU A 19 -10.33 4.79 2.68
C GLU A 19 -10.81 3.56 3.52
N LEU A 20 -9.94 2.51 3.64
CA LEU A 20 -10.23 1.27 4.46
C LEU A 20 -11.64 0.62 4.17
N ILE A 21 -11.92 0.28 2.89
CA ILE A 21 -13.21 -0.34 2.47
C ILE A 21 -12.98 -1.86 2.21
N TYR A 1 12.99 -4.09 -9.42
CA TYR A 1 12.10 -3.08 -8.76
C TYR A 1 12.85 -2.50 -7.53
N ASP A 2 12.94 -1.15 -7.45
CA ASP A 2 13.62 -0.45 -6.33
C ASP A 2 12.62 -0.20 -5.17
N ASN A 3 12.81 -0.92 -4.05
CA ASN A 3 11.97 -0.84 -2.82
C ASN A 3 10.44 -1.11 -3.02
N ILE A 4 10.11 -2.28 -3.59
CA ILE A 4 8.71 -2.72 -3.81
C ILE A 4 7.95 -3.07 -2.47
N LEU A 5 8.62 -3.74 -1.51
CA LEU A 5 8.04 -4.08 -0.20
C LEU A 5 7.82 -2.86 0.75
N VAL A 6 8.78 -1.91 0.81
CA VAL A 6 8.66 -0.66 1.63
C VAL A 6 7.47 0.22 1.14
N LYS A 7 7.34 0.42 -0.19
CA LYS A 7 6.23 1.18 -0.82
C LYS A 7 4.83 0.51 -0.66
N MET A 8 4.71 -0.81 -0.93
CA MET A 8 3.44 -1.56 -0.76
C MET A 8 2.92 -1.76 0.71
N PHE A 9 3.77 -1.61 1.75
CA PHE A 9 3.35 -1.73 3.18
C PHE A 9 2.39 -0.56 3.59
N LYS A 10 2.83 0.69 3.44
CA LYS A 10 2.00 1.89 3.75
C LYS A 10 0.87 2.20 2.72
N THR A 11 1.06 1.92 1.41
CA THR A 11 0.02 2.13 0.35
C THR A 11 -1.25 1.25 0.60
N ASN A 12 -1.07 -0.06 0.81
CA ASN A 12 -2.17 -1.01 1.10
C ASN A 12 -2.81 -0.83 2.52
N GLU A 13 -2.02 -0.57 3.59
CA GLU A 13 -2.54 -0.34 4.96
C GLU A 13 -3.41 0.94 5.16
N ASN A 14 -3.10 2.05 4.47
CA ASN A 14 -3.86 3.33 4.55
C ASN A 14 -5.00 3.42 3.50
N ASN A 15 -4.67 3.42 2.20
CA ASN A 15 -5.65 3.51 1.08
C ASN A 15 -6.52 2.25 0.80
N ASP A 16 -5.95 1.03 0.87
CA ASP A 16 -6.68 -0.24 0.61
C ASP A 16 -7.06 -0.99 1.94
N LYS A 17 -7.78 -0.29 2.82
CA LYS A 17 -8.23 -0.82 4.14
C LYS A 17 -9.64 -0.30 4.50
N SER A 18 -9.80 1.03 4.69
CA SER A 18 -11.12 1.66 4.99
C SER A 18 -12.00 1.85 3.72
N GLU A 19 -11.55 2.63 2.74
CA GLU A 19 -12.25 2.86 1.46
C GLU A 19 -11.26 2.43 0.34
N LEU A 20 -11.39 1.15 -0.06
CA LEU A 20 -10.56 0.53 -1.13
C LEU A 20 -10.74 1.19 -2.54
N ILE A 21 -12.00 1.26 -3.03
CA ILE A 21 -12.34 1.90 -4.34
C ILE A 21 -12.93 3.31 -3.99
N TYR A 1 13.01 1.06 -8.65
CA TYR A 1 13.51 0.19 -7.54
C TYR A 1 12.39 -0.82 -7.20
N ASP A 2 12.63 -2.11 -7.48
CA ASP A 2 11.65 -3.20 -7.19
C ASP A 2 11.92 -3.76 -5.76
N ASN A 3 10.99 -3.48 -4.83
CA ASN A 3 11.07 -3.96 -3.43
C ASN A 3 9.58 -4.10 -3.02
N ILE A 4 9.10 -5.36 -2.92
CA ILE A 4 7.69 -5.68 -2.53
C ILE A 4 7.18 -5.07 -1.17
N LEU A 5 8.07 -4.85 -0.18
CA LEU A 5 7.74 -4.23 1.12
C LEU A 5 7.55 -2.70 1.06
N VAL A 6 8.44 -1.96 0.36
CA VAL A 6 8.35 -0.48 0.18
C VAL A 6 7.03 -0.09 -0.59
N LYS A 7 6.70 -0.80 -1.68
CA LYS A 7 5.47 -0.60 -2.48
C LYS A 7 4.15 -0.96 -1.70
N MET A 8 4.10 -2.10 -1.00
CA MET A 8 2.92 -2.52 -0.20
C MET A 8 2.65 -1.70 1.11
N PHE A 9 3.62 -0.93 1.66
CA PHE A 9 3.42 -0.09 2.87
C PHE A 9 2.42 1.08 2.58
N LYS A 10 2.74 1.96 1.62
CA LYS A 10 1.84 3.08 1.21
C LYS A 10 0.51 2.66 0.51
N THR A 11 0.48 1.56 -0.28
CA THR A 11 -0.74 1.04 -0.95
C THR A 11 -1.81 0.58 0.08
N ASN A 12 -1.43 -0.34 1.00
CA ASN A 12 -2.31 -0.84 2.08
C ASN A 12 -2.69 0.23 3.16
N GLU A 13 -1.75 1.12 3.58
CA GLU A 13 -2.01 2.20 4.56
C GLU A 13 -3.04 3.28 4.11
N ASN A 14 -2.98 3.73 2.83
CA ASN A 14 -3.88 4.75 2.26
C ASN A 14 -5.22 4.15 1.72
N ASN A 15 -5.13 3.29 0.68
CA ASN A 15 -6.30 2.63 0.04
C ASN A 15 -7.05 1.56 0.87
N ASP A 16 -6.34 0.66 1.60
CA ASP A 16 -6.95 -0.40 2.43
C ASP A 16 -7.01 -0.01 3.95
N LYS A 17 -7.62 1.16 4.21
CA LYS A 17 -7.85 1.71 5.55
C LYS A 17 -9.24 2.40 5.46
N SER A 18 -9.34 3.54 4.74
CA SER A 18 -10.63 4.27 4.54
C SER A 18 -11.62 3.50 3.60
N GLU A 19 -11.14 3.04 2.43
CA GLU A 19 -11.94 2.26 1.45
C GLU A 19 -11.51 0.76 1.65
N LEU A 20 -11.12 0.15 0.54
CA LEU A 20 -10.62 -1.25 0.47
C LEU A 20 -9.62 -1.33 -0.72
N ILE A 21 -10.12 -1.29 -1.97
CA ILE A 21 -9.29 -1.31 -3.21
C ILE A 21 -9.64 0.03 -3.93
N TYR A 1 14.91 0.78 -6.72
CA TYR A 1 14.99 -0.23 -5.63
C TYR A 1 13.55 -0.58 -5.15
N ASP A 2 13.27 -1.89 -5.04
CA ASP A 2 11.96 -2.39 -4.56
C ASP A 2 12.19 -3.76 -3.86
N ASN A 3 11.92 -3.83 -2.53
CA ASN A 3 12.11 -5.06 -1.73
C ASN A 3 11.17 -5.02 -0.48
N ILE A 4 9.99 -5.66 -0.62
CA ILE A 4 8.91 -5.84 0.38
C ILE A 4 8.19 -4.54 0.87
N LEU A 5 8.94 -3.61 1.45
CA LEU A 5 8.43 -2.32 1.98
C LEU A 5 8.08 -1.22 0.94
N VAL A 6 8.85 -1.06 -0.16
CA VAL A 6 8.56 -0.05 -1.23
C VAL A 6 7.17 -0.30 -1.90
N LYS A 7 6.89 -1.54 -2.31
CA LYS A 7 5.58 -1.93 -2.92
C LYS A 7 4.39 -2.01 -1.91
N MET A 8 4.57 -2.57 -0.70
CA MET A 8 3.50 -2.69 0.32
C MET A 8 3.08 -1.37 1.07
N PHE A 9 3.93 -0.31 1.09
CA PHE A 9 3.59 0.99 1.74
C PHE A 9 2.43 1.71 0.99
N LYS A 10 2.60 1.99 -0.32
CA LYS A 10 1.55 2.64 -1.17
C LYS A 10 0.31 1.75 -1.49
N THR A 11 0.46 0.41 -1.64
CA THR A 11 -0.67 -0.52 -1.91
C THR A 11 -1.66 -0.56 -0.71
N ASN A 12 -1.17 -0.84 0.51
CA ASN A 12 -1.98 -0.88 1.76
C ASN A 12 -2.58 0.51 2.19
N GLU A 13 -1.88 1.65 1.96
CA GLU A 13 -2.39 3.01 2.28
C GLU A 13 -3.59 3.44 1.39
N ASN A 14 -3.44 3.37 0.05
CA ASN A 14 -4.49 3.75 -0.92
C ASN A 14 -5.69 2.76 -1.00
N ASN A 15 -5.41 1.48 -1.33
CA ASN A 15 -6.43 0.41 -1.45
C ASN A 15 -7.02 -0.17 -0.14
N ASP A 16 -6.24 -0.32 0.95
CA ASP A 16 -6.72 -0.87 2.25
C ASP A 16 -6.65 0.12 3.46
N LYS A 17 -7.09 1.38 3.24
CA LYS A 17 -7.16 2.46 4.25
C LYS A 17 -8.11 3.57 3.73
N SER A 18 -7.81 4.17 2.56
CA SER A 18 -8.66 5.21 1.92
C SER A 18 -10.00 4.64 1.35
N GLU A 19 -9.94 3.61 0.50
CA GLU A 19 -11.13 2.94 -0.08
C GLU A 19 -11.13 1.44 0.36
N LEU A 20 -11.52 1.20 1.64
CA LEU A 20 -11.63 -0.17 2.22
C LEU A 20 -13.02 -0.79 1.86
N ILE A 21 -14.13 -0.23 2.40
CA ILE A 21 -15.51 -0.71 2.09
C ILE A 21 -16.42 0.55 2.00
N TYR A 1 13.87 0.22 -10.11
CA TYR A 1 13.95 0.34 -8.63
C TYR A 1 12.69 -0.34 -8.04
N ASP A 2 12.89 -1.50 -7.37
CA ASP A 2 11.79 -2.27 -6.73
C ASP A 2 12.30 -2.91 -5.40
N ASN A 3 11.51 -2.76 -4.33
CA ASN A 3 11.80 -3.33 -3.00
C ASN A 3 10.38 -3.66 -2.46
N ILE A 4 10.07 -4.97 -2.38
CA ILE A 4 8.75 -5.49 -1.88
C ILE A 4 8.17 -4.87 -0.56
N LEU A 5 9.02 -4.48 0.41
CA LEU A 5 8.60 -3.83 1.68
C LEU A 5 8.16 -2.35 1.47
N VAL A 6 8.99 -1.53 0.78
CA VAL A 6 8.68 -0.10 0.45
C VAL A 6 7.35 0.02 -0.38
N LYS A 7 7.18 -0.84 -1.41
CA LYS A 7 5.96 -0.89 -2.26
C LYS A 7 4.68 -1.35 -1.49
N MET A 8 4.76 -2.43 -0.67
CA MET A 8 3.61 -2.91 0.14
C MET A 8 3.20 -2.03 1.36
N PHE A 9 4.06 -1.12 1.88
CA PHE A 9 3.70 -0.20 3.00
C PHE A 9 2.60 0.81 2.58
N LYS A 10 2.86 1.64 1.54
CA LYS A 10 1.86 2.62 1.01
C LYS A 10 0.61 2.00 0.32
N THR A 11 0.74 0.84 -0.36
CA THR A 11 -0.41 0.14 -1.01
C THR A 11 -1.47 -0.34 0.04
N ASN A 12 -1.03 -1.14 1.04
CA ASN A 12 -1.87 -1.64 2.14
C ASN A 12 -2.38 -0.54 3.14
N GLU A 13 -1.56 0.48 3.49
CA GLU A 13 -1.97 1.59 4.39
C GLU A 13 -3.07 2.51 3.79
N ASN A 14 -2.85 3.06 2.59
CA ASN A 14 -3.82 3.93 1.86
C ASN A 14 -5.20 3.27 1.53
N ASN A 15 -5.21 1.98 1.16
CA ASN A 15 -6.44 1.20 0.86
C ASN A 15 -7.26 0.74 2.10
N ASP A 16 -6.60 0.24 3.17
CA ASP A 16 -7.27 -0.23 4.41
C ASP A 16 -7.35 0.81 5.58
N LYS A 17 -7.80 2.03 5.24
CA LYS A 17 -7.99 3.15 6.18
C LYS A 17 -9.38 3.84 6.00
N SER A 18 -9.83 4.09 4.75
CA SER A 18 -11.15 4.70 4.44
C SER A 18 -12.00 3.66 3.66
N GLU A 19 -11.96 3.66 2.31
CA GLU A 19 -12.72 2.73 1.44
C GLU A 19 -12.10 2.87 0.02
N LEU A 20 -11.34 1.85 -0.40
CA LEU A 20 -10.72 1.82 -1.77
C LEU A 20 -10.81 0.38 -2.40
N ILE A 21 -12.01 -0.23 -2.45
CA ILE A 21 -12.22 -1.58 -3.08
C ILE A 21 -13.45 -1.39 -4.01
N TYR A 1 19.73 -2.50 -7.67
CA TYR A 1 18.88 -2.69 -6.46
C TYR A 1 17.52 -2.00 -6.74
N ASP A 2 16.46 -2.80 -6.93
CA ASP A 2 15.09 -2.29 -7.20
C ASP A 2 14.09 -3.28 -6.54
N ASN A 3 13.42 -2.82 -5.46
CA ASN A 3 12.40 -3.61 -4.74
C ASN A 3 11.38 -2.59 -4.18
N ILE A 4 10.20 -2.50 -4.84
CA ILE A 4 9.10 -1.57 -4.45
C ILE A 4 8.16 -2.05 -3.27
N LEU A 5 8.60 -3.01 -2.43
CA LEU A 5 7.82 -3.56 -1.29
C LEU A 5 7.56 -2.58 -0.11
N VAL A 6 8.54 -1.73 0.27
CA VAL A 6 8.37 -0.70 1.35
C VAL A 6 7.23 0.33 1.00
N LYS A 7 7.23 0.86 -0.23
CA LYS A 7 6.19 1.82 -0.72
C LYS A 7 4.78 1.16 -0.89
N MET A 8 4.69 -0.05 -1.49
CA MET A 8 3.41 -0.79 -1.65
C MET A 8 2.73 -1.33 -0.35
N PHE A 9 3.45 -1.48 0.78
CA PHE A 9 2.86 -1.93 2.08
C PHE A 9 1.88 -0.87 2.66
N LYS A 10 2.36 0.37 2.87
CA LYS A 10 1.52 1.50 3.39
C LYS A 10 0.46 2.04 2.37
N THR A 11 0.74 2.05 1.04
CA THR A 11 -0.22 2.50 0.00
C THR A 11 -1.48 1.58 -0.05
N ASN A 12 -1.28 0.26 -0.22
CA ASN A 12 -2.36 -0.76 -0.23
C ASN A 12 -3.17 -0.88 1.10
N GLU A 13 -2.50 -0.80 2.29
CA GLU A 13 -3.18 -0.85 3.61
C GLU A 13 -4.12 0.38 3.88
N ASN A 14 -3.61 1.61 3.74
CA ASN A 14 -4.38 2.87 3.90
C ASN A 14 -5.61 3.03 2.94
N ASN A 15 -5.40 2.83 1.63
CA ASN A 15 -6.46 2.90 0.60
C ASN A 15 -7.59 1.82 0.73
N ASP A 16 -7.24 0.56 1.09
CA ASP A 16 -8.21 -0.55 1.30
C ASP A 16 -8.54 -0.76 2.83
N LYS A 17 -8.88 0.34 3.52
CA LYS A 17 -9.26 0.38 4.95
C LYS A 17 -10.23 1.59 5.08
N SER A 18 -9.72 2.83 4.88
CA SER A 18 -10.56 4.08 4.93
C SER A 18 -11.56 4.17 3.73
N GLU A 19 -11.07 4.06 2.47
CA GLU A 19 -11.90 4.07 1.25
C GLU A 19 -12.08 2.61 0.74
N LEU A 20 -12.87 1.82 1.49
CA LEU A 20 -13.17 0.39 1.16
C LEU A 20 -14.39 0.29 0.20
N ILE A 21 -15.62 0.65 0.67
CA ILE A 21 -16.86 0.64 -0.17
C ILE A 21 -16.95 1.88 -1.12
N TYR A 1 12.85 1.80 -7.92
CA TYR A 1 13.42 0.87 -6.90
C TYR A 1 12.39 -0.26 -6.65
N ASP A 2 12.75 -1.50 -7.02
CA ASP A 2 11.87 -2.69 -6.81
C ASP A 2 12.14 -3.28 -5.40
N ASN A 3 11.15 -3.15 -4.49
CA ASN A 3 11.21 -3.67 -3.12
C ASN A 3 9.75 -4.02 -2.79
N ILE A 4 9.44 -5.33 -2.77
CA ILE A 4 8.08 -5.86 -2.43
C ILE A 4 7.50 -5.39 -1.04
N LEU A 5 8.36 -5.22 -0.02
CA LEU A 5 7.97 -4.73 1.33
C LEU A 5 7.64 -3.22 1.38
N VAL A 6 8.52 -2.34 0.85
CA VAL A 6 8.29 -0.86 0.77
C VAL A 6 6.98 -0.53 -0.04
N LYS A 7 6.79 -1.21 -1.19
CA LYS A 7 5.58 -1.05 -2.06
C LYS A 7 4.27 -1.52 -1.36
N MET A 8 4.23 -2.74 -0.78
CA MET A 8 3.03 -3.25 -0.06
C MET A 8 2.67 -2.54 1.28
N PHE A 9 3.65 -1.91 1.99
CA PHE A 9 3.37 -1.16 3.25
C PHE A 9 2.62 0.17 2.92
N LYS A 10 3.16 0.99 2.01
CA LYS A 10 2.52 2.27 1.56
C LYS A 10 1.20 2.12 0.75
N THR A 11 1.08 1.10 -0.13
CA THR A 11 -0.16 0.84 -0.91
C THR A 11 -1.36 0.45 0.02
N ASN A 12 -1.15 -0.53 0.91
CA ASN A 12 -2.17 -0.97 1.89
C ASN A 12 -2.51 0.10 2.99
N GLU A 13 -1.52 0.81 3.56
CA GLU A 13 -1.75 1.86 4.59
C GLU A 13 -2.54 3.13 4.11
N ASN A 14 -2.30 3.60 2.88
CA ASN A 14 -2.97 4.78 2.30
C ASN A 14 -4.27 4.44 1.51
N ASN A 15 -4.16 3.65 0.41
CA ASN A 15 -5.29 3.24 -0.45
C ASN A 15 -6.28 2.19 0.13
N ASP A 16 -5.82 1.22 0.94
CA ASP A 16 -6.69 0.20 1.59
C ASP A 16 -6.90 0.53 3.10
N LYS A 17 -7.50 1.72 3.36
CA LYS A 17 -7.78 2.24 4.71
C LYS A 17 -9.19 2.90 4.73
N SER A 18 -9.39 3.99 3.96
CA SER A 18 -10.71 4.69 3.86
C SER A 18 -11.71 3.93 2.94
N GLU A 19 -11.34 3.69 1.67
CA GLU A 19 -12.15 2.94 0.68
C GLU A 19 -11.26 1.74 0.24
N LEU A 20 -11.44 0.61 0.94
CA LEU A 20 -10.70 -0.66 0.68
C LEU A 20 -10.95 -1.26 -0.73
N ILE A 21 -12.21 -1.55 -1.08
CA ILE A 21 -12.60 -2.09 -2.41
C ILE A 21 -13.06 -0.85 -3.26
N TYR A 1 17.37 -3.25 -7.50
CA TYR A 1 16.10 -4.03 -7.32
C TYR A 1 15.44 -3.82 -5.93
N ASP A 2 14.73 -2.68 -5.77
CA ASP A 2 14.04 -2.32 -4.50
C ASP A 2 12.57 -2.84 -4.51
N ASN A 3 12.15 -3.40 -3.36
CA ASN A 3 10.77 -3.91 -3.15
C ASN A 3 10.41 -3.63 -1.65
N ILE A 4 10.19 -2.34 -1.33
CA ILE A 4 9.84 -1.84 0.01
C ILE A 4 8.71 -0.79 -0.23
N LEU A 5 9.06 0.44 -0.67
CA LEU A 5 8.11 1.55 -0.93
C LEU A 5 7.13 1.35 -2.13
N VAL A 6 7.52 0.63 -3.21
CA VAL A 6 6.63 0.35 -4.39
C VAL A 6 5.38 -0.48 -3.95
N LYS A 7 5.58 -1.60 -3.25
CA LYS A 7 4.46 -2.45 -2.74
C LYS A 7 3.65 -1.81 -1.56
N MET A 8 4.30 -1.14 -0.59
CA MET A 8 3.63 -0.45 0.54
C MET A 8 2.81 0.83 0.19
N PHE A 9 3.05 1.51 -0.97
CA PHE A 9 2.26 2.70 -1.38
C PHE A 9 0.80 2.31 -1.72
N LYS A 10 0.60 1.40 -2.71
CA LYS A 10 -0.76 0.91 -3.10
C LYS A 10 -1.49 0.05 -2.01
N THR A 11 -0.77 -0.76 -1.20
CA THR A 11 -1.38 -1.57 -0.10
C THR A 11 -2.04 -0.66 0.99
N ASN A 12 -1.26 0.27 1.57
CA ASN A 12 -1.74 1.23 2.58
C ASN A 12 -2.76 2.29 2.06
N GLU A 13 -2.59 2.85 0.84
CA GLU A 13 -3.50 3.86 0.25
C GLU A 13 -4.92 3.32 -0.10
N ASN A 14 -5.01 2.23 -0.88
CA ASN A 14 -6.29 1.60 -1.29
C ASN A 14 -7.11 0.96 -0.13
N ASN A 15 -6.48 0.11 0.71
CA ASN A 15 -7.12 -0.53 1.87
C ASN A 15 -7.45 0.46 3.00
N ASP A 16 -6.45 1.18 3.56
CA ASP A 16 -6.64 2.16 4.66
C ASP A 16 -7.33 1.48 5.90
N LYS A 17 -6.63 0.46 6.44
CA LYS A 17 -7.03 -0.38 7.61
C LYS A 17 -8.02 -1.51 7.20
N SER A 18 -9.16 -1.18 6.57
CA SER A 18 -10.15 -2.16 6.08
C SER A 18 -10.31 -1.88 4.56
N GLU A 19 -11.25 -0.98 4.15
CA GLU A 19 -11.47 -0.59 2.75
C GLU A 19 -12.10 0.84 2.80
N LEU A 20 -11.27 1.92 2.79
CA LEU A 20 -11.79 3.32 2.79
C LEU A 20 -11.90 3.84 1.32
N ILE A 21 -10.76 4.15 0.66
CA ILE A 21 -10.74 4.65 -0.74
C ILE A 21 -9.43 4.14 -1.41
N TYR A 1 15.97 -0.83 -1.67
CA TYR A 1 15.43 -2.03 -2.37
C TYR A 1 14.09 -1.64 -3.04
N ASP A 2 14.06 -1.68 -4.38
CA ASP A 2 12.84 -1.38 -5.19
C ASP A 2 12.44 -2.67 -5.94
N ASN A 3 11.57 -3.50 -5.30
CA ASN A 3 11.09 -4.78 -5.87
C ASN A 3 9.79 -5.20 -5.14
N ILE A 4 8.62 -4.81 -5.70
CA ILE A 4 7.23 -5.11 -5.24
C ILE A 4 6.75 -4.61 -3.83
N LEU A 5 7.59 -4.70 -2.79
CA LEU A 5 7.28 -4.28 -1.41
C LEU A 5 7.34 -2.77 -1.07
N VAL A 6 8.29 -1.99 -1.61
CA VAL A 6 8.40 -0.52 -1.37
C VAL A 6 7.11 0.29 -1.77
N LYS A 7 6.66 0.06 -3.00
CA LYS A 7 5.42 0.67 -3.57
C LYS A 7 4.10 0.12 -2.95
N MET A 8 3.97 -1.20 -2.72
CA MET A 8 2.77 -1.81 -2.10
C MET A 8 2.57 -1.54 -0.56
N PHE A 9 3.61 -1.13 0.20
CA PHE A 9 3.47 -0.79 1.64
C PHE A 9 2.60 0.48 1.85
N LYS A 10 3.03 1.64 1.28
CA LYS A 10 2.25 2.91 1.37
C LYS A 10 0.91 2.95 0.58
N THR A 11 0.79 2.24 -0.57
CA THR A 11 -0.47 2.18 -1.37
C THR A 11 -1.62 1.47 -0.57
N ASN A 12 -1.37 0.25 -0.08
CA ASN A 12 -2.33 -0.53 0.74
C ASN A 12 -2.60 0.09 2.16
N GLU A 13 -1.58 0.64 2.86
CA GLU A 13 -1.74 1.29 4.19
C GLU A 13 -2.62 2.58 4.20
N ASN A 14 -2.51 3.43 3.16
CA ASN A 14 -3.27 4.69 3.03
C ASN A 14 -4.66 4.51 2.34
N ASN A 15 -4.67 4.12 1.05
CA ASN A 15 -5.89 3.91 0.23
C ASN A 15 -6.76 2.66 0.56
N ASP A 16 -6.16 1.54 1.00
CA ASP A 16 -6.92 0.30 1.37
C ASP A 16 -6.92 0.14 2.93
N LYS A 17 -7.57 1.11 3.61
CA LYS A 17 -7.73 1.15 5.08
C LYS A 17 -9.18 1.61 5.42
N SER A 18 -9.51 2.89 5.11
CA SER A 18 -10.89 3.44 5.34
C SER A 18 -11.94 2.96 4.30
N GLU A 19 -11.65 3.11 2.98
CA GLU A 19 -12.53 2.66 1.89
C GLU A 19 -11.73 1.54 1.14
N LEU A 20 -12.00 0.29 1.54
CA LEU A 20 -11.35 -0.92 0.97
C LEU A 20 -11.65 -1.16 -0.54
N ILE A 21 -12.95 -1.19 -0.93
CA ILE A 21 -13.39 -1.36 -2.34
C ILE A 21 -14.63 -0.45 -2.55
N TYR A 1 17.61 -0.26 -7.31
CA TYR A 1 17.57 -1.19 -6.13
C TYR A 1 16.10 -1.66 -5.97
N ASP A 2 15.86 -2.97 -6.22
CA ASP A 2 14.52 -3.58 -6.11
C ASP A 2 14.19 -3.99 -4.64
N ASN A 3 12.98 -3.63 -4.17
CA ASN A 3 12.48 -3.98 -2.82
C ASN A 3 10.94 -3.86 -2.93
N ILE A 4 10.26 -5.02 -2.91
CA ILE A 4 8.76 -5.12 -2.96
C ILE A 4 7.96 -4.36 -1.84
N LEU A 5 8.58 -4.13 -0.66
CA LEU A 5 7.96 -3.43 0.50
C LEU A 5 7.78 -1.90 0.37
N VAL A 6 8.65 -1.15 -0.33
CA VAL A 6 8.52 0.34 -0.51
C VAL A 6 7.16 0.73 -1.19
N LYS A 7 6.83 0.11 -2.33
CA LYS A 7 5.53 0.37 -3.04
C LYS A 7 4.29 -0.32 -2.38
N MET A 8 4.39 -1.58 -1.91
CA MET A 8 3.27 -2.31 -1.26
C MET A 8 2.85 -1.84 0.17
N PHE A 9 3.72 -1.13 0.94
CA PHE A 9 3.37 -0.62 2.30
C PHE A 9 2.30 0.50 2.20
N LYS A 10 2.58 1.61 1.50
CA LYS A 10 1.60 2.73 1.31
C LYS A 10 0.38 2.40 0.39
N THR A 11 0.50 1.51 -0.62
CA THR A 11 -0.62 1.12 -1.51
C THR A 11 -1.74 0.36 -0.71
N ASN A 12 -1.37 -0.73 -0.01
CA ASN A 12 -2.30 -1.52 0.84
C ASN A 12 -2.82 -0.77 2.11
N GLU A 13 -1.99 0.05 2.80
CA GLU A 13 -2.39 0.84 3.99
C GLU A 13 -3.50 1.90 3.69
N ASN A 14 -3.23 2.81 2.73
CA ASN A 14 -4.18 3.88 2.33
C ASN A 14 -5.49 3.38 1.67
N ASN A 15 -5.41 2.43 0.70
CA ASN A 15 -6.58 1.83 0.02
C ASN A 15 -7.53 0.99 0.94
N ASP A 16 -6.97 0.22 1.91
CA ASP A 16 -7.76 -0.59 2.87
C ASP A 16 -7.95 0.14 4.25
N LYS A 17 -8.34 1.43 4.21
CA LYS A 17 -8.57 2.28 5.38
C LYS A 17 -9.61 3.38 5.00
N SER A 18 -9.28 4.26 4.02
CA SER A 18 -10.19 5.36 3.57
C SER A 18 -11.36 4.91 2.63
N GLU A 19 -11.04 4.27 1.49
CA GLU A 19 -12.05 3.80 0.51
C GLU A 19 -11.72 2.33 0.17
N LEU A 20 -12.26 1.40 1.00
CA LEU A 20 -12.11 -0.07 0.81
C LEU A 20 -13.29 -0.60 -0.05
N ILE A 21 -14.52 -0.66 0.52
CA ILE A 21 -15.74 -1.12 -0.20
C ILE A 21 -16.94 -0.27 0.31
N TYR A 1 19.20 -4.67 -4.02
CA TYR A 1 17.90 -4.69 -4.74
C TYR A 1 16.92 -3.78 -3.97
N ASP A 2 16.62 -2.60 -4.54
CA ASP A 2 15.69 -1.60 -3.93
C ASP A 2 14.25 -1.85 -4.46
N ASN A 3 13.34 -2.25 -3.55
CA ASN A 3 11.93 -2.51 -3.87
C ASN A 3 11.07 -1.72 -2.82
N ILE A 4 10.12 -2.43 -2.22
CA ILE A 4 9.17 -1.98 -1.15
C ILE A 4 8.13 -0.84 -1.46
N LEU A 5 8.49 0.17 -2.28
CA LEU A 5 7.59 1.30 -2.65
C LEU A 5 6.42 0.94 -3.61
N VAL A 6 6.66 0.11 -4.65
CA VAL A 6 5.59 -0.34 -5.61
C VAL A 6 4.47 -1.16 -4.87
N LYS A 7 4.85 -2.11 -4.01
CA LYS A 7 3.91 -2.93 -3.20
C LYS A 7 3.14 -2.11 -2.12
N MET A 8 3.82 -1.23 -1.35
CA MET A 8 3.18 -0.36 -0.32
C MET A 8 2.27 0.81 -0.85
N PHE A 9 2.37 1.22 -2.13
CA PHE A 9 1.50 2.29 -2.72
C PHE A 9 0.01 1.86 -2.78
N LYS A 10 -0.28 0.74 -3.48
CA LYS A 10 -1.67 0.18 -3.58
C LYS A 10 -2.21 -0.46 -2.27
N THR A 11 -1.36 -1.11 -1.44
CA THR A 11 -1.77 -1.71 -0.13
C THR A 11 -2.32 -0.63 0.87
N ASN A 12 -1.54 0.43 1.12
CA ASN A 12 -1.92 1.56 2.00
C ASN A 12 -3.12 2.42 1.46
N GLU A 13 -3.20 2.71 0.14
CA GLU A 13 -4.32 3.48 -0.46
C GLU A 13 -5.70 2.74 -0.39
N ASN A 14 -5.76 1.50 -0.91
CA ASN A 14 -7.00 0.68 -0.92
C ASN A 14 -7.55 0.27 0.48
N ASN A 15 -6.67 -0.23 1.38
CA ASN A 15 -7.05 -0.60 2.76
C ASN A 15 -7.27 0.64 3.65
N ASP A 16 -6.23 1.45 3.91
CA ASP A 16 -6.32 2.67 4.75
C ASP A 16 -6.87 2.33 6.19
N LYS A 17 -6.14 1.44 6.89
CA LYS A 17 -6.43 0.93 8.26
C LYS A 17 -7.52 -0.19 8.25
N SER A 18 -8.71 0.07 7.66
CA SER A 18 -9.81 -0.92 7.54
C SER A 18 -10.05 -1.09 6.01
N GLU A 19 -10.98 -0.31 5.41
CA GLU A 19 -11.28 -0.34 3.96
C GLU A 19 -11.88 1.05 3.61
N LEU A 20 -11.06 2.06 3.20
CA LEU A 20 -11.59 3.40 2.81
C LEU A 20 -11.97 3.38 1.29
N ILE A 21 -11.07 3.78 0.38
CA ILE A 21 -11.34 3.79 -1.10
C ILE A 21 -10.12 3.08 -1.76
N TYR A 1 19.00 -0.82 -4.74
CA TYR A 1 17.73 -1.05 -4.00
C TYR A 1 16.64 -1.43 -5.05
N ASP A 2 16.20 -2.70 -5.04
CA ASP A 2 15.16 -3.21 -5.97
C ASP A 2 14.30 -4.24 -5.18
N ASN A 3 13.08 -3.84 -4.78
CA ASN A 3 12.12 -4.70 -4.07
C ASN A 3 10.73 -4.00 -4.22
N ILE A 4 9.80 -4.71 -4.88
CA ILE A 4 8.39 -4.24 -5.09
C ILE A 4 7.54 -3.82 -3.82
N LEU A 5 7.93 -4.30 -2.62
CA LEU A 5 7.25 -4.00 -1.33
C LEU A 5 7.29 -2.51 -0.83
N VAL A 6 8.23 -1.65 -1.26
CA VAL A 6 8.29 -0.21 -0.85
C VAL A 6 7.01 0.55 -1.35
N LYS A 7 6.67 0.45 -2.66
CA LYS A 7 5.45 1.08 -3.22
C LYS A 7 4.12 0.35 -2.83
N MET A 8 4.09 -1.00 -2.75
CA MET A 8 2.88 -1.77 -2.34
C MET A 8 2.47 -1.65 -0.83
N PHE A 9 3.36 -1.28 0.10
CA PHE A 9 3.02 -1.09 1.54
C PHE A 9 2.09 0.14 1.74
N LYS A 10 2.52 1.33 1.29
CA LYS A 10 1.70 2.59 1.38
C LYS A 10 0.45 2.62 0.45
N THR A 11 0.49 2.03 -0.76
CA THR A 11 -0.68 1.96 -1.69
C THR A 11 -1.86 1.13 -1.08
N ASN A 12 -1.57 -0.12 -0.66
CA ASN A 12 -2.56 -1.02 -0.02
C ASN A 12 -3.10 -0.51 1.37
N GLU A 13 -2.24 0.07 2.24
CA GLU A 13 -2.65 0.64 3.56
C GLU A 13 -3.64 1.82 3.43
N ASN A 14 -3.29 2.86 2.65
CA ASN A 14 -4.14 4.05 2.40
C ASN A 14 -5.52 3.72 1.74
N ASN A 15 -5.52 2.87 0.70
CA ASN A 15 -6.75 2.42 -0.01
C ASN A 15 -7.75 1.58 0.86
N ASP A 16 -7.25 0.69 1.75
CA ASP A 16 -8.08 -0.12 2.66
C ASP A 16 -7.96 0.40 4.13
N LYS A 17 -8.33 1.68 4.33
CA LYS A 17 -8.34 2.39 5.62
C LYS A 17 -9.56 3.37 5.62
N SER A 18 -9.60 4.33 4.67
CA SER A 18 -10.72 5.30 4.53
C SER A 18 -12.00 4.64 3.91
N GLU A 19 -11.90 4.05 2.72
CA GLU A 19 -12.99 3.34 2.02
C GLU A 19 -12.46 1.93 1.68
N LEU A 20 -12.68 0.98 2.60
CA LEU A 20 -12.26 -0.43 2.46
C LEU A 20 -12.94 -1.19 1.26
N ILE A 21 -14.28 -1.18 1.19
CA ILE A 21 -15.06 -1.82 0.09
C ILE A 21 -15.48 -0.66 -0.87
N TYR A 1 18.33 -0.48 -6.77
CA TYR A 1 17.22 -0.46 -5.77
C TYR A 1 16.11 -1.40 -6.29
N ASP A 2 15.90 -2.53 -5.60
CA ASP A 2 14.87 -3.53 -5.96
C ASP A 2 14.33 -4.14 -4.64
N ASN A 3 13.11 -3.72 -4.24
CA ASN A 3 12.42 -4.21 -3.03
C ASN A 3 10.92 -3.88 -3.27
N ILE A 4 10.11 -4.92 -3.57
CA ILE A 4 8.64 -4.78 -3.79
C ILE A 4 7.80 -4.19 -2.59
N LEU A 5 8.29 -4.31 -1.34
CA LEU A 5 7.62 -3.82 -0.12
C LEU A 5 7.61 -2.27 0.11
N VAL A 6 8.57 -1.47 -0.44
CA VAL A 6 8.56 0.02 -0.29
C VAL A 6 7.28 0.66 -0.94
N LYS A 7 6.98 0.32 -2.20
CA LYS A 7 5.77 0.81 -2.91
C LYS A 7 4.43 0.09 -2.50
N MET A 8 4.43 -1.25 -2.36
CA MET A 8 3.21 -2.03 -1.97
C MET A 8 2.71 -1.89 -0.50
N PHE A 9 3.55 -1.49 0.49
CA PHE A 9 3.09 -1.28 1.90
C PHE A 9 2.14 -0.07 2.00
N LYS A 10 2.58 1.14 1.59
CA LYS A 10 1.73 2.37 1.60
C LYS A 10 0.54 2.37 0.60
N THR A 11 0.66 1.76 -0.60
CA THR A 11 -0.44 1.67 -1.59
C THR A 11 -1.65 0.84 -1.04
N ASN A 12 -1.39 -0.40 -0.60
CA ASN A 12 -2.41 -1.29 0.00
C ASN A 12 -2.97 -0.82 1.39
N GLU A 13 -2.13 -0.31 2.32
CA GLU A 13 -2.55 0.17 3.64
C GLU A 13 -3.48 1.42 3.61
N ASN A 14 -3.06 2.49 2.91
CA ASN A 14 -3.87 3.74 2.74
C ASN A 14 -5.22 3.55 1.99
N ASN A 15 -5.22 2.84 0.85
CA ASN A 15 -6.44 2.54 0.05
C ASN A 15 -7.50 1.67 0.79
N ASP A 16 -7.09 0.64 1.56
CA ASP A 16 -7.99 -0.23 2.35
C ASP A 16 -8.12 0.27 3.83
N LYS A 17 -8.46 1.55 3.99
CA LYS A 17 -8.69 2.24 5.28
C LYS A 17 -9.80 3.30 5.07
N SER A 18 -9.53 4.37 4.29
CA SER A 18 -10.52 5.44 3.98
C SER A 18 -11.62 4.95 2.97
N GLU A 19 -11.21 4.41 1.80
CA GLU A 19 -12.13 3.87 0.78
C GLU A 19 -12.11 2.32 0.90
N LEU A 20 -12.77 1.79 1.94
CA LEU A 20 -12.86 0.33 2.23
C LEU A 20 -14.33 -0.14 1.96
N ILE A 21 -14.82 -0.11 0.69
CA ILE A 21 -16.19 -0.58 0.33
C ILE A 21 -16.16 -0.99 -1.18
#